data_3BEU
#
_entry.id   3BEU
#
_cell.length_a   41.786
_cell.length_b   72.433
_cell.length_c   122.492
_cell.angle_alpha   90.00
_cell.angle_beta   90.00
_cell.angle_gamma   90.00
#
_symmetry.space_group_name_H-M   'P 21 21 21'
#
loop_
_entity.id
_entity.type
_entity.pdbx_description
1 polymer Trypsin
2 non-polymer 'SULFATE ION'
3 non-polymer BENZAMIDINE
4 non-polymer 'SODIUM ION'
5 non-polymer 'CALCIUM ION'
6 water water
#
_entity_poly.entity_id   1
_entity_poly.type   'polypeptide(L)'
_entity_poly.pdbx_seq_one_letter_code
;VVGGTRAAQGEFPFMVRLSMGCGGALYAQDIVLTAAHCVSGSGNNTSITATGGVVDLQSSSAVKVRSTKVLQAPGFTKET
YGKDWALIKLAQPINQPTLKIATTTAYNQGTFTVAGWGANREGGSQQRYLLKANVPFVSDAACRSSSSFILVANEMICAG
YDTKQEDTCQGDSGGPMFRKDNADEWVQVGIVSWGEGCARKGKYGVYTEVSTFASAIASAARTL
;
_entity_poly.pdbx_strand_id   A,B
#
loop_
_chem_comp.id
_chem_comp.type
_chem_comp.name
_chem_comp.formula
BEN non-polymer BENZAMIDINE 'C7 H8 N2'
CA non-polymer 'CALCIUM ION' 'Ca 2'
NA non-polymer 'SODIUM ION' 'Na 1'
SO4 non-polymer 'SULFATE ION' 'O4 S -2'
#
# COMPACT_ATOMS: atom_id res chain seq x y z
N VAL A 1 2.17 1.99 -15.28
CA VAL A 1 3.12 2.57 -16.22
C VAL A 1 2.40 3.67 -16.99
N VAL A 2 2.93 4.87 -16.95
CA VAL A 2 2.48 5.99 -17.76
C VAL A 2 3.22 5.97 -19.08
N GLY A 3 2.53 6.15 -20.19
CA GLY A 3 3.20 6.17 -21.47
C GLY A 3 3.67 4.84 -21.92
N GLY A 4 3.05 3.77 -21.41
CA GLY A 4 3.40 2.43 -21.77
C GLY A 4 2.49 1.81 -22.79
N THR A 5 2.91 0.63 -23.22
CA THR A 5 2.14 -0.20 -24.14
C THR A 5 2.20 -1.65 -23.66
N ARG A 6 1.36 -2.50 -24.16
CA ARG A 6 1.28 -3.86 -23.65
C ARG A 6 2.55 -4.67 -23.89
N ALA A 7 2.95 -5.37 -22.84
CA ALA A 7 3.91 -6.45 -23.02
C ALA A 7 3.23 -7.63 -23.72
N ALA A 8 3.97 -8.37 -24.53
CA ALA A 8 3.45 -9.59 -25.13
C ALA A 8 3.37 -10.71 -24.12
N GLN A 9 2.41 -11.61 -24.26
CA GLN A 9 2.40 -12.82 -23.47
C GLN A 9 3.73 -13.54 -23.69
N GLY A 10 4.39 -13.90 -22.58
CA GLY A 10 5.63 -14.58 -22.62
C GLY A 10 6.89 -13.71 -22.74
N GLU A 11 6.71 -12.40 -22.94
CA GLU A 11 7.86 -11.54 -23.12
C GLU A 11 8.74 -11.41 -21.89
N PHE A 12 8.09 -11.22 -20.75
CA PHE A 12 8.77 -11.02 -19.45
C PHE A 12 8.20 -12.03 -18.45
N PRO A 13 8.55 -13.29 -18.62
CA PRO A 13 7.81 -14.36 -17.89
C PRO A 13 8.09 -14.36 -16.40
N PHE A 14 9.12 -13.67 -15.98
CA PHE A 14 9.49 -13.49 -14.58
C PHE A 14 8.59 -12.54 -13.82
N MET A 15 7.71 -11.79 -14.52
CA MET A 15 6.86 -10.85 -13.80
C MET A 15 5.82 -11.56 -12.96
N VAL A 16 5.55 -11.04 -11.80
CA VAL A 16 4.46 -11.47 -10.94
C VAL A 16 3.66 -10.27 -10.46
N ARG A 17 2.36 -10.45 -10.36
CA ARG A 17 1.48 -9.51 -9.70
C ARG A 17 1.25 -9.99 -8.25
N LEU A 18 1.26 -9.09 -7.31
CA LEU A 18 1.03 -9.41 -5.90
C LEU A 18 -0.25 -8.75 -5.43
N SER A 19 -0.98 -9.44 -4.55
CA SER A 19 -2.37 -9.07 -4.23
C SER A 19 -2.54 -7.84 -3.36
N MET A 20 -1.45 -7.22 -2.83
CA MET A 20 -1.59 -5.93 -2.22
C MET A 20 -1.53 -4.81 -3.27
N GLY A 21 -1.37 -5.16 -4.53
CA GLY A 21 -1.33 -4.13 -5.58
C GLY A 21 0.07 -3.72 -5.96
N CYS A 22 1.03 -4.63 -5.95
CA CYS A 22 2.43 -4.40 -6.34
C CYS A 22 2.81 -5.38 -7.41
N GLY A 23 3.94 -5.10 -8.04
CA GLY A 23 4.60 -6.07 -8.86
C GLY A 23 5.75 -6.75 -8.12
N GLY A 24 6.35 -7.70 -8.82
CA GLY A 24 7.51 -8.41 -8.33
C GLY A 24 8.13 -9.19 -9.46
N ALA A 25 9.29 -9.78 -9.17
CA ALA A 25 10.01 -10.62 -10.11
C ALA A 25 10.31 -11.94 -9.47
N LEU A 26 10.31 -12.99 -10.30
CA LEU A 26 10.73 -14.32 -9.82
C LEU A 26 12.25 -14.38 -9.69
N TYR A 27 12.69 -14.22 -8.45
CA TYR A 27 14.11 -14.34 -8.10
C TYR A 27 14.53 -15.82 -8.09
N ALA A 28 13.64 -16.65 -7.54
CA ALA A 28 13.65 -18.09 -7.67
C ALA A 28 12.23 -18.49 -8.11
N GLN A 29 12.01 -19.70 -8.50
CA GLN A 29 10.63 -20.06 -8.92
C GLN A 29 9.66 -19.94 -7.75
N ASP A 30 10.15 -20.05 -6.52
CA ASP A 30 9.30 -19.90 -5.33
C ASP A 30 9.70 -18.71 -4.45
N ILE A 31 10.43 -17.73 -5.00
CA ILE A 31 10.75 -16.54 -4.24
C ILE A 31 10.59 -15.30 -5.12
N VAL A 32 9.74 -14.42 -4.67
CA VAL A 32 9.49 -13.15 -5.38
C VAL A 32 10.30 -12.02 -4.75
N LEU A 33 11.05 -11.28 -5.55
CA LEU A 33 11.71 -10.08 -5.14
C LEU A 33 10.78 -8.90 -5.45
N THR A 34 10.51 -8.09 -4.42
CA THR A 34 9.63 -6.95 -4.53
C THR A 34 10.19 -5.81 -3.69
N ALA A 35 9.40 -4.77 -3.47
CA ALA A 35 9.79 -3.62 -2.66
C ALA A 35 9.46 -3.88 -1.19
N ALA A 36 10.31 -3.42 -0.29
CA ALA A 36 10.00 -3.40 1.15
C ALA A 36 8.69 -2.71 1.44
N HIS A 37 8.37 -1.62 0.70
CA HIS A 37 7.19 -0.85 1.06
C HIS A 37 5.92 -1.58 0.61
N CYS A 38 6.04 -2.66 -0.14
CA CYS A 38 4.89 -3.49 -0.51
C CYS A 38 4.51 -4.51 0.59
N VAL A 39 5.32 -4.64 1.61
CA VAL A 39 5.04 -5.60 2.68
C VAL A 39 5.05 -4.86 4.00
N SER A 40 4.64 -5.53 5.07
CA SER A 40 4.47 -4.88 6.36
C SER A 40 5.65 -5.00 7.30
N GLY A 41 6.53 -5.94 7.00
CA GLY A 41 7.60 -6.35 7.88
C GLY A 41 7.97 -7.77 7.50
N SER A 42 8.66 -8.45 8.40
CA SER A 42 9.09 -9.83 8.18
C SER A 42 8.29 -10.78 9.07
N GLY A 43 8.04 -11.98 8.57
CA GLY A 43 7.34 -12.97 9.35
C GLY A 43 6.67 -13.99 8.47
N ASN A 44 6.00 -14.93 9.09
CA ASN A 44 5.14 -15.82 8.36
C ASN A 44 3.96 -15.05 7.81
N ASN A 45 3.50 -15.42 6.62
CA ASN A 45 2.44 -14.65 5.97
C ASN A 45 1.90 -15.52 4.83
N THR A 46 0.65 -16.01 5.02
CA THR A 46 -0.01 -16.84 3.98
C THR A 46 -1.14 -16.07 3.33
N SER A 47 -1.10 -14.72 3.46
CA SER A 47 -2.22 -13.86 3.01
C SER A 47 -1.97 -13.24 1.62
N ILE A 48 -0.79 -13.36 1.07
CA ILE A 48 -0.47 -12.75 -0.24
C ILE A 48 -0.70 -13.80 -1.31
N THR A 49 -1.32 -13.43 -2.40
CA THR A 49 -1.47 -14.20 -3.60
C THR A 49 -0.55 -13.57 -4.68
N ALA A 50 0.26 -14.41 -5.26
CA ALA A 50 1.09 -14.07 -6.40
C ALA A 50 0.44 -14.64 -7.65
N THR A 51 0.30 -13.82 -8.68
CA THR A 51 -0.27 -14.23 -9.95
C THR A 51 0.85 -14.23 -10.97
N GLY A 52 1.17 -15.41 -11.49
CA GLY A 52 2.22 -15.59 -12.46
C GLY A 52 1.72 -16.15 -13.78
N GLY A 53 2.62 -16.18 -14.74
CA GLY A 53 2.39 -16.88 -16.00
C GLY A 53 1.74 -16.06 -17.09
N VAL A 54 1.16 -14.91 -16.79
CA VAL A 54 0.32 -14.23 -17.76
C VAL A 54 0.44 -12.71 -17.70
N VAL A 55 0.29 -12.10 -18.89
CA VAL A 55 0.15 -10.64 -18.95
C VAL A 55 -1.26 -10.18 -18.62
N ASP A 56 -2.27 -11.01 -18.90
CA ASP A 56 -3.66 -10.67 -18.64
C ASP A 56 -4.06 -11.26 -17.31
N LEU A 57 -4.30 -10.41 -16.31
CA LEU A 57 -4.61 -10.93 -14.96
C LEU A 57 -5.90 -11.71 -14.90
N GLN A 58 -6.79 -11.57 -15.86
CA GLN A 58 -8.03 -12.34 -15.92
C GLN A 58 -7.91 -13.63 -16.67
N SER A 59 -6.73 -13.98 -17.19
CA SER A 59 -6.57 -15.20 -17.97
C SER A 59 -6.73 -16.45 -17.12
N SER A 60 -7.37 -17.48 -17.65
CA SER A 60 -7.44 -18.77 -16.93
C SER A 60 -6.16 -19.56 -16.95
N SER A 61 -5.17 -19.20 -17.67
CA SER A 61 -3.83 -19.68 -17.67
C SER A 61 -2.99 -19.12 -16.52
N ALA A 62 -3.50 -18.12 -15.78
CA ALA A 62 -2.78 -17.62 -14.66
C ALA A 62 -2.51 -18.72 -13.64
N VAL A 63 -1.37 -18.62 -12.97
CA VAL A 63 -1.00 -19.44 -11.83
CA VAL A 63 -1.19 -19.49 -11.82
C VAL A 63 -1.14 -18.54 -10.61
N LYS A 64 -1.96 -18.93 -9.65
CA LYS A 64 -2.16 -18.13 -8.43
C LYS A 64 -1.66 -18.97 -7.27
N VAL A 65 -0.67 -18.45 -6.57
CA VAL A 65 0.02 -19.17 -5.52
CA VAL A 65 -0.11 -19.23 -5.47
C VAL A 65 0.03 -18.29 -4.29
N ARG A 66 -0.22 -18.89 -3.11
CA ARG A 66 -0.14 -18.16 -1.88
C ARG A 66 1.31 -18.06 -1.36
N SER A 67 1.56 -17.00 -0.62
CA SER A 67 2.81 -16.86 0.09
C SER A 67 2.83 -17.78 1.31
N THR A 68 4.05 -17.96 1.84
CA THR A 68 4.23 -18.57 3.15
C THR A 68 4.95 -17.64 4.11
N LYS A 69 5.84 -16.78 3.69
CA LYS A 69 6.60 -15.92 4.58
C LYS A 69 7.17 -14.75 3.77
N VAL A 70 7.50 -13.70 4.49
CA VAL A 70 8.05 -12.48 3.96
CA VAL A 70 8.05 -12.48 3.93
C VAL A 70 9.29 -12.09 4.73
N LEU A 71 10.28 -11.56 4.02
CA LEU A 71 11.49 -11.02 4.62
C LEU A 71 11.63 -9.59 4.04
N GLN A 72 11.43 -8.62 4.88
CA GLN A 72 11.58 -7.23 4.51
C GLN A 72 13.00 -6.78 4.83
N ALA A 73 13.66 -6.01 3.96
CA ALA A 73 15.03 -5.60 4.16
C ALA A 73 15.28 -5.12 5.61
N PRO A 74 16.25 -5.73 6.27
CA PRO A 74 16.56 -5.28 7.64
C PRO A 74 16.86 -3.78 7.62
N GLY A 75 16.25 -3.12 8.58
CA GLY A 75 16.51 -1.68 8.73
C GLY A 75 15.55 -0.80 7.94
N PHE A 76 14.72 -1.38 7.08
CA PHE A 76 13.81 -0.60 6.25
C PHE A 76 12.97 0.36 7.09
N THR A 77 12.82 1.59 6.60
CA THR A 77 12.04 2.60 7.31
C THR A 77 10.98 3.22 6.39
N LYS A 78 11.44 3.75 5.27
CA LYS A 78 10.53 4.24 4.23
C LYS A 78 11.27 4.51 2.93
N GLU A 79 10.53 4.51 1.82
CA GLU A 79 11.15 4.48 0.50
C GLU A 79 12.24 5.53 0.37
N THR A 80 11.84 6.81 0.46
CA THR A 80 12.78 7.92 0.32
C THR A 80 13.97 7.73 1.25
N TYR A 81 13.96 6.65 2.03
CA TYR A 81 14.94 6.46 3.09
C TYR A 81 15.84 5.27 2.81
N GLY A 82 15.52 4.53 1.75
CA GLY A 82 16.35 3.48 1.30
C GLY A 82 15.98 2.10 1.73
N LYS A 83 16.77 1.17 1.25
CA LYS A 83 16.68 -0.27 1.47
C LYS A 83 15.34 -0.83 1.04
N ASP A 84 14.82 -0.40 -0.10
CA ASP A 84 13.46 -0.75 -0.46
C ASP A 84 13.40 -2.07 -1.23
N TRP A 85 13.62 -3.16 -0.52
CA TRP A 85 13.53 -4.50 -1.09
C TRP A 85 12.91 -5.44 -0.06
N ALA A 86 12.29 -6.52 -0.57
CA ALA A 86 11.74 -7.61 0.24
C ALA A 86 11.65 -8.86 -0.60
N LEU A 87 11.64 -9.99 0.09
CA LEU A 87 11.40 -11.28 -0.54
C LEU A 87 10.11 -11.88 -0.01
N ILE A 88 9.38 -12.53 -0.88
CA ILE A 88 8.17 -13.30 -0.54
C ILE A 88 8.40 -14.74 -0.95
N LYS A 89 8.38 -15.66 0.01
CA LYS A 89 8.43 -17.09 -0.29
C LYS A 89 7.04 -17.57 -0.71
N LEU A 90 6.96 -18.35 -1.76
CA LEU A 90 5.73 -18.90 -2.25
C LEU A 90 5.54 -20.33 -1.78
N ALA A 91 4.30 -20.73 -1.58
CA ALA A 91 3.99 -22.07 -1.12
C ALA A 91 4.36 -23.12 -2.12
N GLN A 92 4.29 -22.81 -3.41
CA GLN A 92 4.56 -23.66 -4.57
CA GLN A 92 4.65 -23.69 -4.52
C GLN A 92 5.36 -22.85 -5.56
N PRO A 93 6.23 -23.46 -6.36
CA PRO A 93 6.91 -22.68 -7.41
C PRO A 93 5.98 -22.33 -8.51
N ILE A 94 6.31 -21.21 -9.19
CA ILE A 94 5.75 -20.79 -10.48
C ILE A 94 6.77 -21.23 -11.53
N ASN A 95 6.30 -22.06 -12.46
CA ASN A 95 7.20 -22.66 -13.43
C ASN A 95 7.41 -21.76 -14.64
N GLN A 96 8.18 -20.69 -14.38
CA GLN A 96 8.54 -19.67 -15.34
C GLN A 96 10.02 -19.33 -15.14
N PRO A 97 10.68 -18.83 -16.19
CA PRO A 97 12.06 -18.40 -16.02
C PRO A 97 12.20 -17.32 -14.98
N THR A 98 13.30 -17.37 -14.24
CA THR A 98 13.62 -16.38 -13.21
C THR A 98 14.40 -15.21 -13.87
N LEU A 99 14.43 -14.12 -13.14
CA LEU A 99 15.19 -12.93 -13.52
C LEU A 99 16.42 -12.84 -12.65
N LYS A 100 17.60 -12.93 -13.31
CA LYS A 100 18.88 -12.75 -12.61
C LYS A 100 19.01 -11.30 -12.13
N ILE A 101 19.56 -11.09 -10.93
CA ILE A 101 19.80 -9.75 -10.47
C ILE A 101 21.24 -9.35 -10.60
N ALA A 102 21.49 -8.06 -10.74
CA ALA A 102 22.81 -7.51 -10.83
C ALA A 102 23.56 -7.65 -9.51
N THR A 103 24.79 -8.14 -9.60
CA THR A 103 25.64 -8.25 -8.41
C THR A 103 26.83 -7.31 -8.46
N THR A 104 27.03 -6.61 -9.56
CA THR A 104 28.05 -5.61 -9.74
C THR A 104 27.34 -4.35 -10.29
N THR A 105 28.09 -3.28 -10.44
CA THR A 105 27.58 -2.02 -10.98
C THR A 105 27.63 -1.88 -12.49
N ALA A 106 28.02 -2.91 -13.20
CA ALA A 106 28.31 -2.90 -14.61
C ALA A 106 27.16 -2.41 -15.46
N TYR A 107 25.93 -2.66 -15.00
CA TYR A 107 24.73 -2.39 -15.77
C TYR A 107 23.92 -1.22 -15.22
N ASN A 108 24.49 -0.45 -14.31
CA ASN A 108 23.76 0.64 -13.69
C ASN A 108 23.89 1.92 -14.53
N GLN A 109 23.50 1.81 -15.80
CA GLN A 109 23.60 2.82 -16.81
CA GLN A 109 23.45 2.91 -16.74
C GLN A 109 22.81 2.36 -18.02
N GLY A 110 22.58 3.28 -18.96
CA GLY A 110 21.96 2.95 -20.21
C GLY A 110 20.46 3.13 -20.21
N THR A 111 19.79 2.37 -21.04
CA THR A 111 18.34 2.44 -21.18
C THR A 111 17.72 1.19 -20.54
N PHE A 112 16.81 1.43 -19.60
CA PHE A 112 16.18 0.34 -18.86
C PHE A 112 14.78 0.10 -19.37
N THR A 113 14.28 -1.07 -19.06
CA THR A 113 12.90 -1.44 -19.27
C THR A 113 12.23 -1.65 -17.92
N VAL A 114 10.98 -1.18 -17.83
CA VAL A 114 10.13 -1.35 -16.69
C VAL A 114 8.83 -1.96 -17.14
N ALA A 115 8.13 -2.62 -16.22
CA ALA A 115 6.88 -3.26 -16.52
C ALA A 115 6.02 -3.33 -15.29
N GLY A 116 4.71 -3.24 -15.46
CA GLY A 116 3.83 -3.42 -14.34
C GLY A 116 2.38 -3.28 -14.72
N TRP A 117 1.54 -3.52 -13.73
CA TRP A 117 0.08 -3.39 -13.82
C TRP A 117 -0.44 -2.16 -13.06
N GLY A 118 0.46 -1.21 -12.73
CA GLY A 118 0.07 -0.01 -12.06
C GLY A 118 -0.63 0.98 -12.94
N ALA A 119 -0.91 2.14 -12.38
CA ALA A 119 -1.71 3.12 -13.05
C ALA A 119 -1.02 3.67 -14.28
N ASN A 120 -1.86 4.08 -15.22
CA ASN A 120 -1.36 4.70 -16.47
C ASN A 120 -1.31 6.22 -16.42
N ARG A 121 -1.62 6.82 -15.27
CA ARG A 121 -1.66 8.23 -15.02
C ARG A 121 -1.72 8.41 -13.51
N GLU A 122 -1.22 9.52 -13.04
CA GLU A 122 -1.37 9.84 -11.63
C GLU A 122 -2.81 9.74 -11.19
N GLY A 123 -3.11 9.02 -10.11
CA GLY A 123 -4.48 8.90 -9.67
C GLY A 123 -5.31 7.88 -10.36
N GLY A 124 -4.79 7.18 -11.38
CA GLY A 124 -5.54 6.23 -12.11
C GLY A 124 -5.73 4.87 -11.51
N SER A 125 -6.53 4.04 -12.19
CA SER A 125 -6.79 2.65 -11.83
C SER A 125 -5.64 1.74 -12.21
N GLN A 126 -5.56 0.62 -11.51
CA GLN A 126 -4.66 -0.45 -11.88
C GLN A 126 -5.08 -1.06 -13.22
N GLN A 127 -4.17 -1.75 -13.88
CA GLN A 127 -4.35 -2.29 -15.19
C GLN A 127 -4.57 -3.80 -15.20
N ARG A 128 -5.39 -4.26 -16.15
CA ARG A 128 -5.59 -5.67 -16.39
C ARG A 128 -4.40 -6.32 -17.10
N TYR A 129 -3.84 -5.61 -18.07
CA TYR A 129 -2.81 -6.12 -18.94
C TYR A 129 -1.47 -5.45 -18.59
N LEU A 130 -0.43 -6.28 -18.50
CA LEU A 130 0.90 -5.82 -18.18
C LEU A 130 1.36 -4.79 -19.22
N LEU A 131 1.82 -3.64 -18.76
CA LEU A 131 2.36 -2.57 -19.61
C LEU A 131 3.87 -2.51 -19.39
N LYS A 132 4.58 -2.02 -20.41
CA LYS A 132 6.00 -1.84 -20.39
C LYS A 132 6.39 -0.49 -20.97
N ALA A 133 7.56 -0.04 -20.60
CA ALA A 133 8.12 1.22 -21.10
C ALA A 133 9.65 1.14 -20.96
N ASN A 134 10.36 1.95 -21.73
CA ASN A 134 11.78 2.19 -21.53
C ASN A 134 12.00 3.54 -20.90
N VAL A 135 12.99 3.57 -19.98
CA VAL A 135 13.36 4.78 -19.26
C VAL A 135 14.88 4.86 -19.18
N PRO A 136 15.48 6.00 -19.50
CA PRO A 136 16.96 6.10 -19.48
C PRO A 136 17.47 6.40 -18.06
N PHE A 137 18.69 5.92 -17.82
CA PHE A 137 19.41 6.26 -16.59
C PHE A 137 19.53 7.75 -16.39
N VAL A 138 19.41 8.15 -15.12
CA VAL A 138 19.65 9.49 -14.63
C VAL A 138 20.60 9.37 -13.46
N SER A 139 21.69 10.13 -13.46
CA SER A 139 22.71 10.02 -12.44
C SER A 139 22.19 10.44 -11.08
N ASP A 140 22.84 9.96 -10.05
CA ASP A 140 22.49 10.41 -8.70
C ASP A 140 22.59 11.91 -8.57
N ALA A 141 23.56 12.56 -9.15
CA ALA A 141 23.72 14.02 -9.03
C ALA A 141 22.51 14.72 -9.70
N ALA A 142 22.14 14.29 -10.91
CA ALA A 142 21.00 14.93 -11.62
C ALA A 142 19.74 14.61 -10.88
N CYS A 143 19.60 13.40 -10.35
CA CYS A 143 18.36 13.08 -9.61
C CYS A 143 18.22 13.88 -8.32
N ARG A 144 19.34 14.03 -7.58
CA ARG A 144 19.24 14.77 -6.32
C ARG A 144 18.90 16.24 -6.59
N SER A 145 19.42 16.80 -7.68
CA SER A 145 19.12 18.18 -8.03
C SER A 145 17.63 18.35 -8.25
N SER A 146 16.98 17.33 -8.84
CA SER A 146 15.55 17.39 -9.15
C SER A 146 14.65 17.15 -7.94
N SER A 147 15.26 16.58 -6.93
CA SER A 147 14.43 16.04 -5.88
C SER A 147 14.17 16.92 -4.69
N SER A 148 13.03 16.67 -4.12
CA SER A 148 12.66 17.23 -2.84
C SER A 148 13.12 16.41 -1.65
N PHE A 149 13.06 15.07 -1.77
CA PHE A 149 13.01 14.09 -0.66
C PHE A 149 14.40 13.52 -0.73
N ILE A 150 14.90 12.87 0.31
CA ILE A 150 16.31 12.48 0.31
C ILE A 150 16.68 11.43 -0.67
N LEU A 151 17.85 11.64 -1.27
CA LEU A 151 18.40 10.56 -2.12
C LEU A 151 19.58 9.88 -1.39
N VAL A 152 19.40 8.60 -1.20
CA VAL A 152 20.50 7.82 -0.65
C VAL A 152 21.22 7.21 -1.84
N ALA A 153 22.35 7.85 -2.27
CA ALA A 153 22.93 7.55 -3.55
C ALA A 153 23.23 6.09 -3.75
N ASN A 154 23.82 5.45 -2.74
CA ASN A 154 24.21 4.05 -2.87
CA ASN A 154 24.24 4.06 -3.04
C ASN A 154 23.04 3.11 -3.02
N GLU A 155 21.89 3.53 -2.54
CA GLU A 155 20.72 2.65 -2.40
C GLU A 155 19.66 2.92 -3.47
N MET A 156 19.84 3.94 -4.27
CA MET A 156 18.82 4.41 -5.20
C MET A 156 19.42 4.67 -6.57
N ILE A 157 18.74 4.19 -7.61
CA ILE A 157 19.10 4.44 -8.99
C ILE A 157 17.92 5.12 -9.63
N CYS A 158 18.15 6.25 -10.30
CA CYS A 158 17.08 6.98 -10.94
C CYS A 158 17.03 6.71 -12.44
N ALA A 159 15.86 6.89 -13.01
CA ALA A 159 15.66 6.73 -14.45
C ALA A 159 14.39 7.48 -14.84
N GLY A 160 14.36 7.97 -16.08
CA GLY A 160 13.22 8.62 -16.61
C GLY A 160 13.59 9.84 -17.44
N TYR A 161 12.57 10.56 -17.80
CA TYR A 161 12.62 11.67 -18.75
C TYR A 161 12.35 12.99 -18.05
N ASP A 162 12.82 14.08 -18.68
CA ASP A 162 12.49 15.40 -18.16
C ASP A 162 11.00 15.70 -18.34
N THR A 163 10.59 15.76 -19.61
CA THR A 163 9.17 16.10 -19.83
C THR A 163 8.36 15.01 -20.51
N LYS A 164 8.97 14.04 -21.16
CA LYS A 164 8.23 12.97 -21.81
C LYS A 164 7.40 12.25 -20.75
N GLN A 165 6.15 11.97 -21.11
CA GLN A 165 5.21 11.39 -20.17
C GLN A 165 5.29 9.88 -20.17
N GLU A 166 6.38 9.37 -19.58
CA GLU A 166 6.69 7.94 -19.59
C GLU A 166 7.39 7.64 -18.27
N ASP A 167 6.80 6.80 -17.44
CA ASP A 167 7.31 6.58 -16.08
C ASP A 167 6.59 5.38 -15.44
N THR A 168 7.11 4.85 -14.39
CA THR A 168 6.33 3.98 -13.52
C THR A 168 5.39 4.84 -12.66
N CYS A 169 4.42 4.16 -12.04
CA CYS A 169 3.41 4.85 -11.26
C CYS A 169 2.90 3.92 -10.17
N GLN A 170 1.90 4.41 -9.41
CA GLN A 170 1.32 3.72 -8.30
C GLN A 170 0.87 2.33 -8.77
N GLY A 171 1.29 1.33 -8.05
CA GLY A 171 0.98 -0.06 -8.34
C GLY A 171 2.01 -0.77 -9.19
N ASP A 172 2.96 -0.02 -9.73
CA ASP A 172 4.14 -0.64 -10.37
C ASP A 172 5.20 -0.98 -9.33
N SER A 173 5.10 -0.41 -8.13
CA SER A 173 6.05 -0.65 -7.05
C SER A 173 6.36 -2.12 -6.90
N GLY A 174 7.63 -2.40 -6.67
CA GLY A 174 8.06 -3.75 -6.48
C GLY A 174 8.45 -4.49 -7.72
N GLY A 175 8.02 -4.05 -8.91
CA GLY A 175 8.44 -4.67 -10.13
C GLY A 175 9.88 -4.40 -10.44
N PRO A 176 10.45 -5.18 -11.33
CA PRO A 176 11.85 -5.02 -11.69
C PRO A 176 12.04 -3.93 -12.77
N MET A 177 13.19 -3.27 -12.66
CA MET A 177 13.76 -2.45 -13.75
C MET A 177 14.98 -3.21 -14.26
N PHE A 178 15.04 -3.44 -15.54
CA PHE A 178 15.97 -4.43 -16.08
C PHE A 178 16.50 -3.99 -17.43
N ARG A 179 17.55 -4.64 -17.88
CA ARG A 179 18.15 -4.37 -19.19
C ARG A 179 18.94 -5.58 -19.57
N LYS A 180 19.49 -5.62 -20.79
CA LYS A 180 20.32 -6.73 -21.19
C LYS A 180 21.73 -6.61 -20.58
N ASP A 181 22.26 -7.77 -20.21
CA ASP A 181 23.65 -7.91 -19.74
C ASP A 181 24.54 -8.17 -20.92
N ASN A 182 25.83 -8.42 -20.62
CA ASN A 182 26.81 -8.61 -21.70
C ASN A 182 26.76 -9.93 -22.40
N ALA A 183 25.92 -10.81 -21.88
CA ALA A 183 25.63 -12.09 -22.50
C ALA A 183 24.22 -12.13 -23.11
N ASP A 184 23.59 -10.95 -23.30
CA ASP A 184 22.28 -10.85 -23.92
C ASP A 184 21.17 -11.57 -23.17
N GLU A 185 21.23 -11.54 -21.87
CA GLU A 185 20.13 -11.96 -21.00
C GLU A 185 19.67 -10.79 -20.17
N TRP A 186 18.38 -10.78 -19.78
CA TRP A 186 17.90 -9.74 -18.90
C TRP A 186 18.57 -9.80 -17.55
N VAL A 187 18.86 -8.66 -16.97
CA VAL A 187 19.39 -8.57 -15.62
C VAL A 187 18.67 -7.43 -14.93
N GLN A 188 18.33 -7.68 -13.64
CA GLN A 188 17.60 -6.73 -12.84
C GLN A 188 18.56 -5.75 -12.16
N VAL A 189 18.38 -4.47 -12.43
CA VAL A 189 19.18 -3.41 -11.82
C VAL A 189 18.39 -2.57 -10.81
N GLY A 190 17.05 -2.60 -10.87
CA GLY A 190 16.26 -1.80 -9.99
C GLY A 190 15.01 -2.50 -9.51
N ILE A 191 14.40 -1.94 -8.48
CA ILE A 191 13.05 -2.28 -8.03
C ILE A 191 12.25 -0.99 -8.04
N VAL A 192 11.07 -0.94 -8.63
CA VAL A 192 10.25 0.27 -8.61
C VAL A 192 9.98 0.65 -7.19
N SER A 193 10.37 1.88 -6.80
CA SER A 193 10.37 2.31 -5.41
C SER A 193 9.52 3.53 -5.16
N TRP A 194 9.86 4.68 -5.71
CA TRP A 194 9.07 5.87 -5.43
C TRP A 194 9.32 6.93 -6.51
N GLY A 195 8.51 7.96 -6.43
CA GLY A 195 8.69 9.16 -7.29
C GLY A 195 7.73 10.22 -6.78
N GLU A 196 8.04 11.46 -7.23
CA GLU A 196 7.18 12.61 -6.91
C GLU A 196 6.14 12.65 -8.02
N GLY A 197 4.93 12.21 -7.68
CA GLY A 197 3.95 12.05 -8.71
C GLY A 197 4.34 10.93 -9.68
N CYS A 198 3.83 11.03 -10.91
CA CYS A 198 4.16 10.13 -11.96
C CYS A 198 4.34 10.92 -13.26
N ALA A 199 5.48 10.77 -13.89
CA ALA A 199 5.77 11.43 -15.17
C ALA A 199 5.70 12.92 -15.04
N ARG A 200 6.05 13.47 -13.87
CA ARG A 200 6.02 14.93 -13.67
C ARG A 200 7.20 15.58 -14.36
N LYS A 201 6.96 16.77 -14.88
CA LYS A 201 8.00 17.52 -15.53
C LYS A 201 9.15 17.76 -14.57
N GLY A 202 10.37 17.43 -15.01
CA GLY A 202 11.53 17.73 -14.19
C GLY A 202 11.74 16.72 -13.08
N LYS A 203 10.93 15.68 -12.97
CA LYS A 203 11.01 14.66 -11.93
C LYS A 203 11.23 13.30 -12.60
N TYR A 204 11.94 12.43 -11.91
CA TYR A 204 12.29 11.08 -12.42
C TYR A 204 11.69 10.01 -11.56
N GLY A 205 11.89 8.78 -11.93
CA GLY A 205 11.55 7.66 -11.06
C GLY A 205 12.74 7.22 -10.26
N VAL A 206 12.49 6.74 -9.06
CA VAL A 206 13.53 6.27 -8.15
C VAL A 206 13.31 4.78 -7.89
N TYR A 207 14.40 4.04 -8.05
CA TYR A 207 14.39 2.60 -8.01
C TYR A 207 15.42 2.11 -7.00
N THR A 208 15.14 1.00 -6.32
CA THR A 208 16.14 0.40 -5.43
C THR A 208 17.34 -0.03 -6.25
N GLU A 209 18.55 0.31 -5.81
CA GLU A 209 19.79 -0.02 -6.52
C GLU A 209 20.20 -1.45 -6.17
N VAL A 210 19.72 -2.40 -6.99
CA VAL A 210 19.80 -3.80 -6.63
C VAL A 210 21.23 -4.27 -6.41
N SER A 211 22.18 -3.79 -7.16
CA SER A 211 23.54 -4.29 -6.99
C SER A 211 24.09 -4.03 -5.60
N THR A 212 23.65 -2.96 -4.94
CA THR A 212 24.08 -2.70 -3.57
C THR A 212 23.57 -3.76 -2.60
N PHE A 213 22.39 -4.28 -2.88
CA PHE A 213 21.68 -5.23 -2.02
C PHE A 213 21.77 -6.67 -2.43
N ALA A 214 22.42 -7.00 -3.55
CA ALA A 214 22.32 -8.37 -4.05
C ALA A 214 22.84 -9.40 -3.05
N SER A 215 23.95 -9.07 -2.36
CA SER A 215 24.46 -10.00 -1.34
C SER A 215 23.46 -10.22 -0.22
N ALA A 216 22.91 -9.13 0.28
CA ALA A 216 21.90 -9.25 1.36
C ALA A 216 20.67 -9.99 0.90
N ILE A 217 20.27 -9.81 -0.38
CA ILE A 217 19.11 -10.51 -0.92
C ILE A 217 19.40 -12.00 -0.95
N ALA A 218 20.60 -12.42 -1.35
CA ALA A 218 20.92 -13.84 -1.37
C ALA A 218 20.95 -14.39 0.04
N SER A 219 21.48 -13.65 1.03
CA SER A 219 21.45 -14.09 2.41
C SER A 219 20.01 -14.27 2.89
N ALA A 220 19.14 -13.32 2.58
CA ALA A 220 17.72 -13.42 2.94
C ALA A 220 17.09 -14.59 2.27
N ALA A 221 17.36 -14.83 1.00
CA ALA A 221 16.72 -15.91 0.29
C ALA A 221 17.03 -17.25 0.93
N ARG A 222 18.28 -17.38 1.43
CA ARG A 222 18.67 -18.58 2.18
C ARG A 222 17.96 -18.83 3.48
N THR A 223 17.23 -17.86 3.99
CA THR A 223 16.42 -18.05 5.20
C THR A 223 15.02 -18.59 4.94
N LEU A 224 14.62 -18.62 3.67
CA LEU A 224 13.21 -18.91 3.38
C LEU A 224 12.89 -20.35 3.11
N VAL B 1 -3.79 13.57 7.45
CA VAL B 1 -4.92 14.51 7.59
C VAL B 1 -4.46 15.90 7.15
N VAL B 2 -5.17 16.44 6.17
CA VAL B 2 -5.00 17.82 5.71
C VAL B 2 -5.84 18.75 6.59
N GLY B 3 -5.32 19.88 7.04
CA GLY B 3 -6.13 20.76 7.87
C GLY B 3 -6.33 20.22 9.27
N GLY B 4 -5.47 19.32 9.70
CA GLY B 4 -5.62 18.74 11.01
C GLY B 4 -4.97 19.51 12.11
N THR B 5 -5.28 19.11 13.34
CA THR B 5 -4.55 19.61 14.48
C THR B 5 -4.14 18.41 15.32
N ARG B 6 -3.11 18.59 16.14
CA ARG B 6 -2.61 17.47 16.90
C ARG B 6 -3.69 16.95 17.89
N ALA B 7 -3.88 15.64 17.88
CA ALA B 7 -4.69 14.98 18.87
C ALA B 7 -3.90 14.90 20.18
N ALA B 8 -4.56 15.10 21.31
CA ALA B 8 -3.89 15.01 22.59
C ALA B 8 -3.63 13.53 22.93
N GLN B 9 -2.56 13.28 23.68
CA GLN B 9 -2.35 11.98 24.23
C GLN B 9 -3.57 11.60 25.07
N GLY B 10 -4.14 10.43 24.80
CA GLY B 10 -5.30 9.96 25.46
C GLY B 10 -6.62 10.35 24.86
N GLU B 11 -6.66 11.24 23.87
CA GLU B 11 -7.92 11.73 23.32
C GLU B 11 -8.69 10.63 22.63
N PHE B 12 -8.03 9.85 21.79
CA PHE B 12 -8.67 8.78 21.02
C PHE B 12 -7.92 7.50 21.26
N PRO B 13 -8.17 6.83 22.38
CA PRO B 13 -7.34 5.70 22.77
C PRO B 13 -7.38 4.53 21.82
N PHE B 14 -8.42 4.42 21.03
CA PHE B 14 -8.66 3.33 20.08
C PHE B 14 -7.84 3.46 18.80
N MET B 15 -7.11 4.55 18.57
CA MET B 15 -6.36 4.68 17.34
C MET B 15 -5.17 3.73 17.35
N VAL B 16 -4.89 3.10 16.21
CA VAL B 16 -3.77 2.21 16.01
C VAL B 16 -3.07 2.57 14.73
N ARG B 17 -1.74 2.55 14.75
CA ARG B 17 -0.93 2.66 13.54
C ARG B 17 -0.48 1.26 13.12
N LEU B 18 -0.45 0.98 11.82
CA LEU B 18 -0.06 -0.30 11.28
C LEU B 18 1.17 -0.14 10.38
N SER B 19 2.06 -1.12 10.41
CA SER B 19 3.42 -0.98 9.83
C SER B 19 3.47 -0.98 8.30
N MET B 20 2.40 -1.24 7.59
CA MET B 20 2.38 -0.96 6.13
C MET B 20 2.08 0.50 5.84
N GLY B 21 1.85 1.35 6.85
CA GLY B 21 1.56 2.71 6.67
C GLY B 21 0.10 3.08 6.58
N CYS B 22 -0.73 2.39 7.34
CA CYS B 22 -2.17 2.63 7.46
C CYS B 22 -2.51 2.89 8.91
N GLY B 23 -3.71 3.44 9.10
CA GLY B 23 -4.35 3.51 10.38
C GLY B 23 -5.25 2.32 10.61
N GLY B 24 -5.82 2.27 11.81
CA GLY B 24 -6.77 1.26 12.20
C GLY B 24 -7.45 1.70 13.51
N ALA B 25 -8.51 0.97 13.84
CA ALA B 25 -9.23 1.18 15.10
C ALA B 25 -9.14 -0.11 15.93
N LEU B 26 -9.03 0.04 17.23
CA LEU B 26 -9.02 -1.06 18.15
C LEU B 26 -10.45 -1.56 18.31
N TYR B 27 -10.80 -2.54 17.54
CA TYR B 27 -12.14 -3.13 17.44
C TYR B 27 -12.37 -4.06 18.62
N ALA B 28 -11.40 -4.88 18.94
CA ALA B 28 -11.28 -5.64 20.18
C ALA B 28 -9.88 -5.34 20.67
N GLN B 29 -9.57 -5.65 21.95
CA GLN B 29 -8.22 -5.35 22.39
C GLN B 29 -7.13 -6.07 21.59
N ASP B 30 -7.47 -7.21 20.98
CA ASP B 30 -6.54 -7.92 20.11
C ASP B 30 -7.03 -8.01 18.67
N ILE B 31 -7.89 -7.11 18.23
CA ILE B 31 -8.32 -7.12 16.84
C ILE B 31 -8.39 -5.66 16.35
N VAL B 32 -7.64 -5.38 15.27
CA VAL B 32 -7.66 -4.06 14.63
C VAL B 32 -8.60 -4.12 13.41
N LEU B 33 -9.52 -3.20 13.32
CA LEU B 33 -10.34 -2.99 12.12
C LEU B 33 -9.64 -1.94 11.25
N THR B 34 -9.39 -2.29 10.02
CA THR B 34 -8.71 -1.42 9.06
C THR B 34 -9.38 -1.57 7.69
N ALA B 35 -8.74 -1.03 6.67
CA ALA B 35 -9.22 -1.14 5.30
C ALA B 35 -8.72 -2.42 4.67
N ALA B 36 -9.56 -3.04 3.83
CA ALA B 36 -9.11 -4.15 3.00
C ALA B 36 -7.89 -3.81 2.17
N HIS B 37 -7.83 -2.58 1.64
CA HIS B 37 -6.74 -2.26 0.73
C HIS B 37 -5.42 -2.07 1.45
N CYS B 38 -5.44 -2.07 2.82
CA CYS B 38 -4.22 -2.04 3.59
C CYS B 38 -3.62 -3.42 3.85
N VAL B 39 -4.30 -4.50 3.44
CA VAL B 39 -3.78 -5.83 3.60
C VAL B 39 -3.78 -6.55 2.25
N SER B 40 -3.21 -7.76 2.20
CA SER B 40 -3.00 -8.45 0.97
C SER B 40 -4.09 -9.48 0.64
N GLY B 41 -4.86 -9.87 1.66
CA GLY B 41 -5.75 -10.98 1.61
C GLY B 41 -5.95 -11.51 2.98
N SER B 42 -6.37 -12.76 3.06
CA SER B 42 -6.65 -13.43 4.33
C SER B 42 -5.67 -14.56 4.58
N GLY B 43 -5.26 -14.74 5.85
CA GLY B 43 -4.35 -15.84 6.14
C GLY B 43 -3.62 -15.53 7.44
N ASN B 44 -2.64 -16.35 7.72
CA ASN B 44 -1.73 -16.12 8.80
C ASN B 44 -0.84 -14.93 8.44
N ASN B 45 -0.46 -14.12 9.40
CA ASN B 45 0.44 -13.00 9.11
C ASN B 45 1.04 -12.54 10.43
N THR B 46 2.33 -12.74 10.62
CA THR B 46 3.03 -12.26 11.81
C THR B 46 3.94 -11.11 11.47
N SER B 47 3.75 -10.52 10.30
CA SER B 47 4.65 -9.46 9.81
C SER B 47 4.18 -8.04 10.04
N ILE B 48 2.96 -7.86 10.54
CA ILE B 48 2.44 -6.53 10.79
C ILE B 48 2.69 -6.14 12.23
N THR B 49 3.20 -4.94 12.47
CA THR B 49 3.31 -4.36 13.78
C THR B 49 2.24 -3.29 13.93
N ALA B 50 1.48 -3.41 14.99
CA ALA B 50 0.48 -2.43 15.42
C ALA B 50 1.08 -1.61 16.55
N THR B 51 0.98 -0.29 16.44
CA THR B 51 1.43 0.60 17.50
C THR B 51 0.23 1.27 18.10
N GLY B 52 -0.01 0.95 19.38
CA GLY B 52 -1.09 1.44 20.15
C GLY B 52 -0.64 2.28 21.33
N GLY B 53 -1.59 2.93 21.96
CA GLY B 53 -1.39 3.58 23.23
C GLY B 53 -0.91 5.01 23.16
N VAL B 54 -0.46 5.50 22.02
CA VAL B 54 0.28 6.75 21.93
C VAL B 54 -0.04 7.56 20.68
N VAL B 55 -0.06 8.88 20.86
CA VAL B 55 -0.14 9.78 19.72
C VAL B 55 1.21 9.94 19.00
N ASP B 56 2.30 9.82 19.75
CA ASP B 56 3.68 9.92 19.25
C ASP B 56 4.19 8.58 18.88
N LEU B 57 4.34 8.24 17.62
CA LEU B 57 4.80 6.90 17.23
C LEU B 57 6.19 6.54 17.73
N GLN B 58 7.00 7.55 18.08
CA GLN B 58 8.33 7.32 18.62
C GLN B 58 8.36 7.27 20.14
N SER B 59 7.21 7.32 20.79
CA SER B 59 7.16 7.36 22.24
C SER B 59 7.77 6.15 22.86
N SER B 60 8.47 6.37 23.98
CA SER B 60 9.02 5.27 24.78
C SER B 60 7.90 4.43 25.40
N SER B 61 6.66 4.95 25.44
CA SER B 61 5.48 4.27 25.97
C SER B 61 4.61 3.55 24.91
N ALA B 62 5.03 3.62 23.66
CA ALA B 62 4.28 2.94 22.64
C ALA B 62 4.12 1.44 22.93
N VAL B 63 2.97 0.89 22.59
CA VAL B 63 2.70 -0.51 22.69
C VAL B 63 2.82 -1.06 21.26
N LYS B 64 3.84 -1.87 21.03
CA LYS B 64 4.08 -2.42 19.69
C LYS B 64 3.82 -3.93 19.75
N VAL B 65 2.83 -4.38 19.04
CA VAL B 65 2.35 -5.75 19.08
CA VAL B 65 2.48 -5.80 19.09
C VAL B 65 2.35 -6.29 17.66
N ARG B 66 2.78 -7.55 17.51
CA ARG B 66 2.73 -8.17 16.20
C ARG B 66 1.36 -8.82 15.93
N SER B 67 0.99 -8.87 14.66
CA SER B 67 -0.15 -9.59 14.20
C SER B 67 0.06 -11.11 14.27
N THR B 68 -1.06 -11.83 14.21
CA THR B 68 -1.04 -13.25 13.97
C THR B 68 -1.84 -13.67 12.73
N LYS B 69 -2.89 -12.96 12.38
CA LYS B 69 -3.81 -13.36 11.30
C LYS B 69 -4.45 -12.13 10.72
N VAL B 70 -4.85 -12.22 9.47
CA VAL B 70 -5.60 -11.17 8.78
CA VAL B 70 -5.61 -11.18 8.80
C VAL B 70 -6.82 -11.82 8.12
N LEU B 71 -7.91 -11.09 8.11
CA LEU B 71 -9.12 -11.47 7.40
C LEU B 71 -9.53 -10.23 6.59
N GLN B 72 -9.43 -10.33 5.28
CA GLN B 72 -9.82 -9.29 4.35
C GLN B 72 -11.27 -9.54 3.93
N ALA B 73 -12.07 -8.51 3.79
CA ALA B 73 -13.47 -8.68 3.43
C ALA B 73 -13.62 -9.62 2.24
N PRO B 74 -14.41 -10.67 2.38
CA PRO B 74 -14.56 -11.60 1.25
C PRO B 74 -15.08 -10.84 0.05
N GLY B 75 -14.48 -11.09 -1.14
CA GLY B 75 -15.06 -10.39 -2.30
C GLY B 75 -14.57 -8.97 -2.47
N PHE B 76 -13.77 -8.39 -1.58
CA PHE B 76 -13.09 -7.13 -1.88
C PHE B 76 -12.35 -7.19 -3.20
N THR B 77 -12.52 -6.16 -4.04
CA THR B 77 -11.79 -6.06 -5.30
C THR B 77 -10.87 -4.84 -5.31
N LYS B 78 -11.36 -3.74 -4.76
CA LYS B 78 -10.97 -2.41 -5.22
C LYS B 78 -11.67 -1.32 -4.42
N GLU B 79 -10.88 -0.43 -3.83
CA GLU B 79 -11.42 0.63 -2.97
C GLU B 79 -12.68 1.24 -3.57
N THR B 80 -12.54 1.84 -4.74
CA THR B 80 -13.67 2.40 -5.47
C THR B 80 -14.72 1.34 -5.76
N TYR B 81 -14.43 0.10 -5.36
CA TYR B 81 -15.24 -1.05 -5.74
C TYR B 81 -15.82 -1.76 -4.52
N GLY B 82 -15.53 -1.21 -3.34
CA GLY B 82 -16.36 -1.44 -2.19
C GLY B 82 -15.81 -2.58 -1.32
N LYS B 83 -16.51 -2.74 -0.22
CA LYS B 83 -16.22 -3.71 0.83
C LYS B 83 -14.81 -3.50 1.39
N ASP B 84 -14.45 -2.23 1.62
CA ASP B 84 -13.07 -1.93 2.00
C ASP B 84 -12.88 -2.04 3.52
N TRP B 85 -12.87 -3.26 4.02
CA TRP B 85 -12.63 -3.55 5.43
C TRP B 85 -11.81 -4.81 5.61
N ALA B 86 -11.07 -4.84 6.72
CA ALA B 86 -10.29 -6.02 7.09
C ALA B 86 -10.08 -6.01 8.60
N LEU B 87 -9.84 -7.22 9.14
CA LEU B 87 -9.48 -7.41 10.54
C LEU B 87 -8.09 -7.97 10.65
N ILE B 88 -7.35 -7.52 11.66
CA ILE B 88 -6.03 -8.02 11.97
C ILE B 88 -6.05 -8.48 13.40
N LYS B 89 -5.82 -9.76 13.63
CA LYS B 89 -5.68 -10.33 14.97
C LYS B 89 -4.28 -10.09 15.46
N LEU B 90 -4.15 -9.69 16.74
CA LEU B 90 -2.89 -9.38 17.38
C LEU B 90 -2.49 -10.50 18.34
N ALA B 91 -1.19 -10.72 18.47
CA ALA B 91 -0.64 -11.73 19.38
C ALA B 91 -0.81 -11.36 20.85
N GLN B 92 -0.92 -10.10 21.16
CA GLN B 92 -1.06 -9.58 22.50
C GLN B 92 -2.13 -8.51 22.42
N PRO B 93 -2.88 -8.30 23.49
CA PRO B 93 -3.86 -7.21 23.51
C PRO B 93 -3.20 -5.85 23.74
N ILE B 94 -3.90 -4.83 23.28
CA ILE B 94 -3.64 -3.43 23.61
C ILE B 94 -4.69 -3.04 24.62
N ASN B 95 -4.26 -2.68 25.83
CA ASN B 95 -5.18 -2.35 26.91
C ASN B 95 -5.65 -0.92 26.84
N GLN B 96 -6.52 -0.68 25.86
CA GLN B 96 -7.13 0.61 25.66
C GLN B 96 -8.60 0.40 25.38
N PRO B 97 -9.45 1.39 25.66
CA PRO B 97 -10.84 1.30 25.26
C PRO B 97 -10.97 1.07 23.77
N THR B 98 -11.89 0.16 23.44
CA THR B 98 -12.16 -0.17 22.03
C THR B 98 -13.22 0.76 21.46
N LEU B 99 -13.27 0.85 20.14
CA LEU B 99 -14.22 1.68 19.43
C LEU B 99 -15.37 0.84 18.92
N LYS B 100 -16.58 1.09 19.47
CA LYS B 100 -17.78 0.40 19.06
C LYS B 100 -18.11 0.78 17.60
N ILE B 101 -18.57 -0.18 16.81
CA ILE B 101 -18.99 0.11 15.44
C ILE B 101 -20.50 0.31 15.34
N ALA B 102 -20.88 1.12 14.37
CA ALA B 102 -22.30 1.30 14.08
C ALA B 102 -22.89 0.06 13.41
N THR B 103 -24.07 -0.35 13.87
CA THR B 103 -24.84 -1.43 13.26
C THR B 103 -26.12 -0.93 12.56
N THR B 104 -26.49 0.31 12.77
CA THR B 104 -27.63 0.98 12.16
C THR B 104 -27.18 2.19 11.39
N THR B 105 -28.12 2.79 10.69
CA THR B 105 -27.80 4.02 9.99
C THR B 105 -28.06 5.29 10.79
N ALA B 106 -28.40 5.25 12.04
CA ALA B 106 -28.80 6.31 12.91
C ALA B 106 -27.74 7.40 12.97
N TYR B 107 -26.48 7.06 12.88
CA TYR B 107 -25.39 8.00 13.05
C TYR B 107 -24.69 8.32 11.73
N ASN B 108 -25.26 7.92 10.60
CA ASN B 108 -24.62 8.15 9.30
C ASN B 108 -25.02 9.54 8.77
N GLN B 109 -24.81 10.55 9.58
CA GLN B 109 -25.14 11.91 9.32
C GLN B 109 -24.44 12.79 10.33
N GLY B 110 -24.43 14.10 10.09
CA GLY B 110 -23.84 15.03 11.03
C GLY B 110 -22.36 15.27 10.79
N THR B 111 -21.68 15.73 11.79
CA THR B 111 -20.26 16.02 11.70
C THR B 111 -19.43 14.90 12.31
N PHE B 112 -18.53 14.38 11.52
CA PHE B 112 -17.67 13.30 11.96
C PHE B 112 -16.29 13.80 12.34
N THR B 113 -15.55 12.95 13.03
CA THR B 113 -14.14 13.16 13.35
C THR B 113 -13.37 12.07 12.66
N VAL B 114 -12.20 12.46 12.14
CA VAL B 114 -11.24 11.56 11.52
C VAL B 114 -9.89 11.80 12.19
N ALA B 115 -9.02 10.81 12.13
CA ALA B 115 -7.70 10.92 12.77
C ALA B 115 -6.73 10.00 12.02
N GLY B 116 -5.47 10.37 12.00
CA GLY B 116 -4.50 9.49 11.40
C GLY B 116 -3.10 10.13 11.40
N TRP B 117 -2.15 9.32 10.97
CA TRP B 117 -0.78 9.69 10.82
C TRP B 117 -0.39 9.84 9.33
N GLY B 118 -1.37 9.98 8.46
CA GLY B 118 -1.09 10.19 7.05
C GLY B 118 -0.62 11.59 6.74
N ALA B 119 -0.42 11.83 5.45
CA ALA B 119 0.12 13.10 4.98
C ALA B 119 -0.77 14.27 5.32
N ASN B 120 -0.15 15.47 5.46
CA ASN B 120 -0.91 16.69 5.70
C ASN B 120 -1.17 17.52 4.45
N ARG B 121 -0.77 16.98 3.31
CA ARG B 121 -0.94 17.61 2.00
C ARG B 121 -0.58 16.56 0.96
N GLU B 122 -1.11 16.75 -0.24
CA GLU B 122 -0.79 15.81 -1.27
C GLU B 122 0.72 15.69 -1.44
N GLY B 123 1.15 14.44 -1.47
CA GLY B 123 2.53 14.06 -1.60
C GLY B 123 3.42 14.24 -0.39
N GLY B 124 2.85 14.68 0.74
CA GLY B 124 3.59 14.85 1.97
C GLY B 124 4.03 13.52 2.58
N SER B 125 4.92 13.61 3.57
CA SER B 125 5.37 12.53 4.44
C SER B 125 4.33 12.13 5.48
N GLN B 126 4.47 10.89 5.93
CA GLN B 126 3.67 10.42 7.07
C GLN B 126 4.07 11.22 8.27
N GLN B 127 3.16 11.29 9.26
CA GLN B 127 3.35 12.06 10.47
C GLN B 127 3.82 11.22 11.65
N ARG B 128 4.63 11.82 12.51
CA ARG B 128 5.00 11.22 13.77
C ARG B 128 3.88 11.28 14.77
N TYR B 129 3.15 12.39 14.79
CA TYR B 129 2.12 12.69 15.77
C TYR B 129 0.73 12.63 15.17
N LEU B 130 -0.18 11.98 15.85
CA LEU B 130 -1.57 11.80 15.40
C LEU B 130 -2.20 13.14 15.18
N LEU B 131 -2.86 13.31 14.03
CA LEU B 131 -3.66 14.48 13.72
C LEU B 131 -5.13 14.11 13.62
N LYS B 132 -5.97 15.09 13.90
CA LYS B 132 -7.43 14.96 13.85
C LYS B 132 -8.03 16.09 13.05
N ALA B 133 -9.24 15.85 12.55
CA ALA B 133 -10.02 16.88 11.85
C ALA B 133 -11.47 16.48 11.97
N ASN B 134 -12.35 17.46 11.70
CA ASN B 134 -13.79 17.21 11.57
C ASN B 134 -14.22 17.39 10.14
N VAL B 135 -15.07 16.50 9.65
CA VAL B 135 -15.59 16.50 8.30
C VAL B 135 -17.10 16.19 8.34
N PRO B 136 -17.91 16.99 7.64
CA PRO B 136 -19.35 16.71 7.66
C PRO B 136 -19.78 15.66 6.67
N PHE B 137 -20.83 14.95 7.01
CA PHE B 137 -21.49 14.04 6.08
C PHE B 137 -21.83 14.73 4.77
N VAL B 138 -21.62 14.04 3.66
CA VAL B 138 -22.03 14.42 2.33
C VAL B 138 -22.88 13.31 1.77
N SER B 139 -24.05 13.62 1.24
CA SER B 139 -24.96 12.61 0.73
C SER B 139 -24.33 11.83 -0.42
N ASP B 140 -24.80 10.60 -0.60
CA ASP B 140 -24.36 9.79 -1.73
C ASP B 140 -24.65 10.51 -3.05
N ALA B 141 -25.79 11.17 -3.17
CA ALA B 141 -26.08 11.85 -4.45
C ALA B 141 -25.08 12.92 -4.79
N ALA B 142 -24.69 13.73 -3.82
CA ALA B 142 -23.72 14.78 -4.02
C ALA B 142 -22.35 14.15 -4.28
N CYS B 143 -22.08 13.07 -3.53
CA CYS B 143 -20.78 12.42 -3.69
C CYS B 143 -20.61 11.77 -5.06
N ARG B 144 -21.64 11.00 -5.50
CA ARG B 144 -21.62 10.34 -6.79
C ARG B 144 -21.31 11.27 -7.97
N SER B 145 -22.08 12.38 -7.96
CA SER B 145 -22.02 13.45 -8.91
C SER B 145 -20.60 14.04 -8.98
N SER B 146 -19.95 14.08 -7.81
CA SER B 146 -18.61 14.65 -7.76
C SER B 146 -17.56 13.65 -8.25
N SER B 147 -17.80 12.36 -8.35
CA SER B 147 -16.74 11.35 -8.41
C SER B 147 -16.46 10.88 -9.82
N SER B 148 -15.21 10.60 -10.16
CA SER B 148 -14.77 10.05 -11.45
C SER B 148 -14.79 8.53 -11.49
N PHE B 149 -14.74 7.92 -10.35
CA PHE B 149 -14.80 6.51 -10.07
C PHE B 149 -16.15 6.11 -9.51
N ILE B 150 -16.42 4.81 -9.50
CA ILE B 150 -17.65 4.20 -8.99
C ILE B 150 -17.93 4.52 -7.55
N LEU B 151 -19.12 5.05 -7.32
CA LEU B 151 -19.59 5.13 -5.92
C LEU B 151 -20.65 4.04 -5.74
N VAL B 152 -20.32 3.12 -4.81
CA VAL B 152 -21.29 2.07 -4.46
C VAL B 152 -22.05 2.60 -3.26
N ALA B 153 -23.27 3.10 -3.43
CA ALA B 153 -23.92 3.88 -2.40
C ALA B 153 -24.05 3.15 -1.11
N ASN B 154 -24.44 1.88 -1.14
CA ASN B 154 -24.66 1.15 0.10
CA ASN B 154 -24.68 1.29 0.18
C ASN B 154 -23.40 0.85 0.87
N GLU B 155 -22.26 0.89 0.19
CA GLU B 155 -20.98 0.49 0.75
C GLU B 155 -20.05 1.61 1.12
N MET B 156 -20.40 2.83 0.73
CA MET B 156 -19.55 3.98 0.85
C MET B 156 -20.31 5.13 1.44
N ILE B 157 -19.68 5.82 2.40
CA ILE B 157 -20.19 7.04 3.02
C ILE B 157 -19.18 8.14 2.74
N CYS B 158 -19.65 9.27 2.25
CA CYS B 158 -18.77 10.37 1.95
C CYS B 158 -18.82 11.43 3.03
N ALA B 159 -17.69 12.14 3.13
CA ALA B 159 -17.61 13.22 4.08
C ALA B 159 -16.54 14.19 3.62
N GLY B 160 -16.70 15.44 4.03
CA GLY B 160 -15.70 16.47 3.76
C GLY B 160 -16.36 17.74 3.21
N TYR B 161 -15.52 18.54 2.55
CA TYR B 161 -15.85 19.89 2.16
C TYR B 161 -15.64 20.07 0.64
N ASP B 162 -16.40 20.98 0.06
CA ASP B 162 -16.21 21.28 -1.37
C ASP B 162 -14.82 21.85 -1.61
N THR B 163 -14.50 22.88 -0.84
CA THR B 163 -13.20 23.55 -1.06
C THR B 163 -12.35 23.65 0.20
N LYS B 164 -12.90 23.65 1.39
CA LYS B 164 -12.07 23.83 2.61
C LYS B 164 -11.04 22.73 2.65
N GLN B 165 -9.83 23.08 3.06
CA GLN B 165 -8.67 22.21 3.11
C GLN B 165 -8.67 21.40 4.40
N GLU B 166 -9.59 20.45 4.51
CA GLU B 166 -9.68 19.57 5.62
C GLU B 166 -10.18 18.22 5.09
N ASP B 167 -9.34 17.17 5.20
CA ASP B 167 -9.64 15.88 4.59
C ASP B 167 -8.68 14.83 5.16
N THR B 168 -9.01 13.57 4.97
CA THR B 168 -7.98 12.54 5.13
C THR B 168 -7.10 12.50 3.89
N CYS B 169 -5.99 11.80 3.98
CA CYS B 169 -5.02 11.79 2.90
C CYS B 169 -4.27 10.46 2.98
N GLN B 170 -3.32 10.29 2.07
CA GLN B 170 -2.52 9.09 1.94
C GLN B 170 -1.91 8.72 3.30
N GLY B 171 -2.15 7.50 3.73
CA GLY B 171 -1.66 6.98 4.97
C GLY B 171 -2.63 7.09 6.10
N ASP B 172 -3.74 7.81 5.90
CA ASP B 172 -4.84 7.77 6.84
C ASP B 172 -5.75 6.56 6.62
N SER B 173 -5.64 5.90 5.47
CA SER B 173 -6.46 4.76 5.09
C SER B 173 -6.48 3.76 6.24
N GLY B 174 -7.65 3.20 6.45
CA GLY B 174 -7.84 2.21 7.47
C GLY B 174 -8.26 2.76 8.81
N GLY B 175 -7.98 4.03 9.08
CA GLY B 175 -8.44 4.65 10.34
C GLY B 175 -9.94 4.78 10.38
N PRO B 176 -10.47 5.00 11.58
CA PRO B 176 -11.92 5.18 11.73
C PRO B 176 -12.37 6.62 11.48
N MET B 177 -13.59 6.72 10.98
CA MET B 177 -14.37 7.95 11.00
C MET B 177 -15.48 7.72 12.00
N PHE B 178 -15.63 8.65 12.94
CA PHE B 178 -16.43 8.37 14.12
C PHE B 178 -17.13 9.63 14.61
N ARG B 179 -18.06 9.44 15.54
CA ARG B 179 -18.84 10.52 16.13
C ARG B 179 -19.46 9.95 17.42
N LYS B 180 -20.24 10.75 18.11
CA LYS B 180 -20.90 10.25 19.34
C LYS B 180 -22.23 9.65 18.98
N ASP B 181 -22.60 8.61 19.73
CA ASP B 181 -23.89 7.97 19.63
C ASP B 181 -24.84 8.58 20.67
N ASN B 182 -26.06 8.05 20.80
CA ASN B 182 -27.03 8.61 21.76
C ASN B 182 -26.64 8.52 23.19
N ALA B 183 -25.73 7.63 23.52
CA ALA B 183 -25.18 7.46 24.86
C ALA B 183 -23.93 8.26 25.06
N ASP B 184 -23.60 9.12 24.11
CA ASP B 184 -22.44 10.02 24.20
C ASP B 184 -21.16 9.22 24.30
N GLU B 185 -21.11 8.11 23.57
CA GLU B 185 -19.91 7.29 23.42
C GLU B 185 -19.50 7.27 21.96
N TRP B 186 -18.23 7.10 21.70
CA TRP B 186 -17.80 7.11 20.30
C TRP B 186 -18.35 5.92 19.57
N VAL B 187 -18.73 6.15 18.31
CA VAL B 187 -19.19 5.08 17.45
C VAL B 187 -18.56 5.28 16.09
N GLN B 188 -18.12 4.20 15.50
CA GLN B 188 -17.44 4.19 14.20
C GLN B 188 -18.46 4.02 13.08
N VAL B 189 -18.49 5.02 12.18
CA VAL B 189 -19.39 5.00 11.00
C VAL B 189 -18.62 4.75 9.71
N GLY B 190 -17.33 4.99 9.68
CA GLY B 190 -16.57 4.87 8.44
C GLY B 190 -15.18 4.29 8.66
N ILE B 191 -14.59 3.82 7.60
CA ILE B 191 -13.16 3.46 7.51
C ILE B 191 -12.57 4.31 6.40
N VAL B 192 -11.47 5.00 6.64
CA VAL B 192 -10.83 5.82 5.57
C VAL B 192 -10.51 4.91 4.42
N SER B 193 -11.04 5.22 3.23
CA SER B 193 -10.94 4.30 2.09
C SER B 193 -10.26 4.92 0.88
N TRP B 194 -10.81 5.96 0.29
CA TRP B 194 -10.19 6.56 -0.91
C TRP B 194 -10.70 7.99 -1.11
N GLY B 195 -10.01 8.64 -2.02
CA GLY B 195 -10.44 9.99 -2.48
C GLY B 195 -9.59 10.32 -3.72
N GLU B 196 -10.07 11.28 -4.44
CA GLU B 196 -9.37 11.84 -5.59
C GLU B 196 -8.53 12.99 -5.05
N GLY B 197 -7.22 12.76 -4.95
CA GLY B 197 -6.35 13.73 -4.31
C GLY B 197 -6.68 13.75 -2.83
N CYS B 198 -6.30 14.88 -2.22
CA CYS B 198 -6.60 15.18 -0.83
C CYS B 198 -7.07 16.61 -0.74
N ALA B 199 -8.28 16.83 -0.20
CA ALA B 199 -8.84 18.16 -0.08
C ALA B 199 -8.89 18.86 -1.42
N ARG B 200 -9.15 18.11 -2.47
CA ARG B 200 -9.29 18.74 -3.76
C ARG B 200 -10.65 19.40 -4.00
N LYS B 201 -10.64 20.49 -4.75
CA LYS B 201 -11.84 21.31 -4.91
C LYS B 201 -12.92 20.57 -5.69
N GLY B 202 -14.07 20.36 -5.05
CA GLY B 202 -15.14 19.60 -5.67
C GLY B 202 -15.14 18.11 -5.36
N LYS B 203 -14.16 17.66 -4.62
CA LYS B 203 -13.99 16.26 -4.28
C LYS B 203 -14.07 16.05 -2.77
N TYR B 204 -14.60 14.91 -2.36
CA TYR B 204 -14.80 14.53 -0.96
C TYR B 204 -13.96 13.32 -0.59
N GLY B 205 -13.96 12.96 0.67
CA GLY B 205 -13.37 11.70 1.08
C GLY B 205 -14.47 10.62 1.06
N VAL B 206 -14.03 9.41 0.72
CA VAL B 206 -14.90 8.26 0.62
C VAL B 206 -14.46 7.24 1.68
N TYR B 207 -15.43 6.77 2.47
CA TYR B 207 -15.21 5.94 3.64
C TYR B 207 -16.06 4.71 3.51
N THR B 208 -15.58 3.61 4.02
CA THR B 208 -16.36 2.36 4.03
C THR B 208 -17.56 2.59 4.95
N GLU B 209 -18.76 2.22 4.50
CA GLU B 209 -20.00 2.47 5.26
C GLU B 209 -20.15 1.32 6.25
N VAL B 210 -19.62 1.50 7.46
CA VAL B 210 -19.50 0.43 8.43
C VAL B 210 -20.82 -0.21 8.77
N SER B 211 -21.90 0.54 8.90
CA SER B 211 -23.18 -0.08 9.25
C SER B 211 -23.61 -1.17 8.29
N THR B 212 -23.26 -1.05 7.02
CA THR B 212 -23.59 -2.09 6.04
C THR B 212 -22.86 -3.38 6.35
N PHE B 213 -21.65 -3.29 6.86
CA PHE B 213 -20.75 -4.41 7.06
C PHE B 213 -20.69 -4.91 8.51
N ALA B 214 -21.41 -4.30 9.41
CA ALA B 214 -21.20 -4.62 10.83
C ALA B 214 -21.44 -6.09 11.15
N SER B 215 -22.47 -6.69 10.56
CA SER B 215 -22.71 -8.10 10.83
C SER B 215 -21.62 -8.97 10.30
N ALA B 216 -21.14 -8.69 9.08
CA ALA B 216 -20.06 -9.43 8.47
C ALA B 216 -18.76 -9.25 9.26
N ILE B 217 -18.51 -8.06 9.79
CA ILE B 217 -17.31 -7.80 10.61
C ILE B 217 -17.37 -8.62 11.88
N ALA B 218 -18.53 -8.64 12.58
CA ALA B 218 -18.63 -9.48 13.78
C ALA B 218 -18.45 -10.95 13.46
N SER B 219 -19.02 -11.40 12.34
CA SER B 219 -18.88 -12.81 11.95
CA SER B 219 -18.87 -12.84 12.06
C SER B 219 -17.42 -13.18 11.74
N ALA B 220 -16.72 -12.31 11.04
CA ALA B 220 -15.30 -12.52 10.79
C ALA B 220 -14.52 -12.55 12.09
N ALA B 221 -14.82 -11.63 13.00
CA ALA B 221 -14.08 -11.53 14.26
C ALA B 221 -14.27 -12.79 15.08
N ARG B 222 -15.46 -13.40 15.01
CA ARG B 222 -15.79 -14.59 15.79
C ARG B 222 -14.91 -15.73 15.35
N THR B 223 -14.44 -15.83 14.13
CA THR B 223 -13.61 -16.86 13.59
C THR B 223 -12.13 -16.62 13.82
N LEU B 224 -11.72 -15.42 14.21
CA LEU B 224 -10.31 -15.17 14.32
C LEU B 224 -9.67 -15.78 15.55
S SO4 C . 2.50 1.97 -4.60
O1 SO4 C . 3.06 1.83 -5.97
O2 SO4 C . 1.10 1.51 -4.44
O3 SO4 C . 3.32 1.22 -3.58
O4 SO4 C . 2.70 3.46 -4.31
C1 BEN D . 6.66 6.15 -9.06
C2 BEN D . 7.13 4.94 -8.61
C3 BEN D . 6.47 4.22 -7.59
C4 BEN D . 5.28 4.64 -7.07
C5 BEN D . 4.77 5.81 -7.55
C6 BEN D . 5.51 6.57 -8.51
C BEN D . 7.29 6.87 -10.13
N1 BEN D . 6.90 8.15 -10.39
N2 BEN D . 8.26 6.31 -10.84
NA NA E . 9.79 13.80 -15.80
CA CA F . 22.75 5.47 -7.10
S SO4 G . 13.08 14.23 -22.38
O1 SO4 G . 12.87 13.13 -23.46
O2 SO4 G . 11.72 14.58 -21.83
O3 SO4 G . 13.92 13.64 -21.30
O4 SO4 G . 13.72 15.39 -23.00
S SO4 H . 9.09 2.73 -25.48
O1 SO4 H . 7.84 3.31 -26.06
O2 SO4 H . 9.69 3.60 -24.45
O3 SO4 H . 8.68 1.31 -24.68
O4 SO4 H . 10.00 2.23 -26.54
S SO4 I . 1.13 -7.78 4.59
O1 SO4 I . 2.43 -7.28 3.83
O2 SO4 I . 0.51 -8.80 3.69
O3 SO4 I . 1.01 -7.55 6.05
O4 SO4 I . 0.32 -6.50 3.95
C1 BEN J . -0.20 -0.44 1.78
C1 BEN J . 0.36 -1.75 -0.78
C2 BEN J . -1.10 -1.47 1.51
C2 BEN J . -0.86 -1.99 -0.11
C3 BEN J . -0.77 -2.83 1.45
C3 BEN J . -0.95 -2.45 1.21
C4 BEN J . 0.53 -3.24 1.77
C4 BEN J . 0.19 -2.78 1.94
C5 BEN J . 1.45 -2.22 1.84
C5 BEN J . 1.40 -2.55 1.31
C6 BEN J . 1.11 -0.83 1.88
C6 BEN J . 1.40 -1.85 0.08
C BEN J . -0.65 0.93 1.81
C BEN J . 0.35 -1.31 -2.15
N1 BEN J . -1.96 1.23 1.48
N1 BEN J . -0.88 -1.04 -2.73
N2 BEN J . 0.03 1.93 2.28
N2 BEN J . 1.24 -1.05 -3.04
C1 BEN K . 10.89 -17.10 8.72
C2 BEN K . 9.97 -16.05 8.54
C3 BEN K . 10.16 -15.03 7.60
C4 BEN K . 11.28 -15.02 6.82
C5 BEN K . 12.25 -15.98 7.02
C6 BEN K . 12.04 -17.01 7.96
C BEN K . 10.70 -18.19 9.60
N1 BEN K . 11.52 -19.25 9.56
N2 BEN K . 9.91 -18.03 10.67
S SO4 L . 7.67 -23.03 3.47
O1 SO4 L . 8.98 -23.43 4.21
O2 SO4 L . 7.41 -24.29 2.50
O3 SO4 L . 6.53 -23.01 4.54
O4 SO4 L . 7.70 -21.88 2.45
S SO4 M . 20.71 -1.12 -22.69
O1 SO4 M . 19.75 -0.57 -23.79
O2 SO4 M . 22.17 -0.71 -23.01
O3 SO4 M . 20.31 -0.41 -21.33
O4 SO4 M . 20.52 -2.64 -22.60
S SO4 N . -3.36 5.03 1.16
O1 SO4 N . -3.84 5.83 2.32
O2 SO4 N . -1.96 5.20 0.79
O3 SO4 N . -3.74 3.54 1.36
O4 SO4 N . -4.14 5.48 -0.16
C1 BEN O . -8.20 10.18 0.82
C2 BEN O . -8.44 9.02 1.53
C3 BEN O . -7.59 7.93 1.49
C4 BEN O . -6.42 7.98 0.77
C5 BEN O . -6.16 9.15 0.11
C6 BEN O . -7.07 10.20 0.09
C BEN O . -9.07 11.32 0.89
N1 BEN O . -9.00 12.34 0.01
N2 BEN O . -10.01 11.39 1.79
NA NA P . -13.00 19.16 -1.48
CA CA Q . -23.74 5.60 1.30
S SO4 R . -7.81 -14.21 0.05
O1 SO4 R . -8.84 -14.38 1.14
O2 SO4 R . -6.47 -14.35 0.56
O3 SO4 R . -8.05 -15.49 -0.90
O4 SO4 R . -8.11 -13.11 -0.93
S SO4 S . -19.11 22.98 2.55
O1 SO4 S . -20.11 23.82 1.77
O2 SO4 S . -18.14 23.94 3.37
O3 SO4 S . -19.73 21.99 3.61
O4 SO4 S . -18.22 22.29 1.51
S SO4 T . -19.11 -1.39 23.41
O1 SO4 T . -17.90 -0.71 22.75
O2 SO4 T . -19.85 -2.19 22.32
O3 SO4 T . -18.73 -2.32 24.58
O4 SO4 T . -20.12 -0.31 23.99
S SO4 U . 9.99 -6.45 11.19
O1 SO4 U . 11.25 -7.38 11.19
O2 SO4 U . 8.71 -7.20 11.04
O3 SO4 U . 10.14 -5.90 12.70
O4 SO4 U . 10.11 -5.20 10.29
#